data_7PPN
#
_entry.id   7PPN
#
_cell.length_a   54.190
_cell.length_b   82.363
_cell.length_c   147.760
_cell.angle_alpha   90.000
_cell.angle_beta   90.000
_cell.angle_gamma   90.000
#
_symmetry.space_group_name_H-M   'C 2 2 21'
#
loop_
_entity.id
_entity.type
_entity.pdbx_description
1 polymer 'Tyrosine-protein phosphatase non-receptor type 11,Tyrosine-protein phosphatase non-receptor type 11'
2 polymer 'T-cell-specific surface glycoprotein CD28'
3 non-polymer GLYCEROL
4 water water
#
loop_
_entity_poly.entity_id
_entity_poly.type
_entity_poly.pdbx_seq_one_letter_code
_entity_poly.pdbx_strand_id
1 'polypeptide(L)'
;GSGSGFWEEFETLQQQECKLLYSRKEGQRQENKNKNRYKNILPFDHTRVVLHDGDPNEPVSDYINANIIMPEFGSSGKKS
YIATQGCLQNTVNDFWRMVFQENSRVIVMTTKEVERGKSKCVKYWPDEYALKEYGVMRVRNVKESAAHDYTLRELKLSKV
GQGNTERTVWQYHFRTWPDHGVPSDPGGVLDFLEEVHHKQESIMDAGPVVVHSSAGIGRTGTFIVIDILIDIIREKGVDC
DIDVPKTIQMVRSQRSGMVQTEAQYRFIYMAVQHYIETLQRR
;
A
2 'polypeptide(L)' RSRLLHSD(PTR)MNM(TPO)PRR B
#
# COMPACT_ATOMS: atom_id res chain seq x y z
N SER A 4 13.62 8.18 24.24
CA SER A 4 15.03 7.95 23.93
C SER A 4 15.23 6.62 23.21
N GLY A 5 16.28 6.53 22.41
CA GLY A 5 16.55 5.32 21.66
C GLY A 5 15.73 5.24 20.38
N PHE A 6 14.41 5.27 20.52
CA PHE A 6 13.54 5.32 19.35
C PHE A 6 13.60 6.70 18.70
N TRP A 7 13.59 7.77 19.51
CA TRP A 7 13.68 9.11 18.96
C TRP A 7 15.01 9.30 18.24
N GLU A 8 16.11 8.85 18.85
CA GLU A 8 17.41 8.99 18.20
C GLU A 8 17.43 8.20 16.90
N GLU A 9 16.90 6.98 16.90
CA GLU A 9 16.85 6.18 15.69
C GLU A 9 15.97 6.86 14.63
N PHE A 10 14.76 7.30 15.01
CA PHE A 10 13.90 7.91 14.01
C PHE A 10 14.46 9.25 13.53
N GLU A 11 15.01 10.05 14.44
CA GLU A 11 15.56 11.33 14.02
C GLU A 11 16.74 11.14 13.08
N THR A 12 17.57 10.12 13.33
CA THR A 12 18.69 9.85 12.43
C THR A 12 18.19 9.47 11.04
N LEU A 13 17.11 8.67 10.96
CA LEU A 13 16.51 8.35 9.67
C LEU A 13 15.99 9.61 9.00
N GLN A 14 15.34 10.49 9.76
CA GLN A 14 14.81 11.72 9.18
C GLN A 14 15.94 12.63 8.72
N GLN A 15 17.12 12.52 9.35
CA GLN A 15 18.29 13.25 8.87
C GLN A 15 18.59 12.89 7.42
N GLN A 16 18.69 11.59 7.13
CA GLN A 16 19.18 11.13 5.83
C GLN A 16 18.21 11.44 4.70
N GLU A 17 16.99 11.88 4.99
CA GLU A 17 16.03 12.23 3.96
C GLU A 17 15.85 13.74 3.80
N CYS A 18 16.64 14.55 4.50
CA CYS A 18 16.50 16.00 4.36
C CYS A 18 16.85 16.47 2.96
N LYS A 19 17.81 15.82 2.31
CA LYS A 19 17.91 15.87 0.86
C LYS A 19 17.26 14.61 0.29
N LEU A 20 16.34 14.79 -0.65
CA LEU A 20 15.74 13.66 -1.38
C LEU A 20 16.64 13.53 -2.60
N LEU A 21 17.30 12.39 -2.79
CA LEU A 21 18.25 12.44 -3.89
C LEU A 21 17.65 11.96 -5.21
N TYR A 22 16.89 10.87 -5.24
CA TYR A 22 16.50 10.32 -6.53
C TYR A 22 15.46 11.19 -7.23
N SER A 23 15.53 11.19 -8.57
CA SER A 23 14.72 12.10 -9.38
C SER A 23 13.24 11.75 -9.32
N ARG A 24 12.39 12.78 -9.30
CA ARG A 24 10.93 12.62 -9.31
C ARG A 24 10.31 13.47 -10.42
N LYS A 25 10.94 13.46 -11.61
CA LYS A 25 10.56 14.42 -12.64
C LYS A 25 9.21 14.10 -13.27
N GLU A 26 8.88 12.81 -13.45
CA GLU A 26 7.61 12.48 -14.12
C GLU A 26 6.42 13.00 -13.34
N GLY A 27 6.43 12.80 -12.02
CA GLY A 27 5.36 13.33 -11.19
C GLY A 27 5.24 14.84 -11.24
N GLN A 28 6.31 15.53 -11.61
CA GLN A 28 6.30 16.99 -11.66
C GLN A 28 5.81 17.53 -12.98
N ARG A 29 5.55 16.67 -13.96
CA ARG A 29 5.15 17.16 -15.29
C ARG A 29 3.78 17.82 -15.23
N GLN A 30 3.59 18.86 -16.05
CA GLN A 30 2.34 19.61 -16.01
C GLN A 30 1.14 18.70 -16.20
N GLU A 31 1.24 17.71 -17.08
CA GLU A 31 0.11 16.82 -17.34
C GLU A 31 -0.25 15.95 -16.15
N ASN A 32 0.70 15.73 -15.23
CA ASN A 32 0.47 14.86 -14.09
C ASN A 32 0.12 15.62 -12.81
N LYS A 33 -0.01 16.94 -12.88
CA LYS A 33 -0.17 17.76 -11.67
C LYS A 33 -1.38 17.35 -10.85
N ASN A 34 -2.53 17.19 -11.51
CA ASN A 34 -3.74 16.84 -10.79
C ASN A 34 -3.94 15.33 -10.62
N LYS A 35 -2.89 14.55 -10.84
CA LYS A 35 -2.89 13.13 -10.49
C LYS A 35 -2.23 12.86 -9.14
N ASN A 36 -1.71 13.90 -8.48
CA ASN A 36 -1.11 13.79 -7.15
C ASN A 36 -2.02 14.43 -6.11
N ARG A 37 -2.23 13.73 -4.99
CA ARG A 37 -3.06 14.34 -3.94
C ARG A 37 -2.30 15.47 -3.28
N TYR A 38 -1.00 15.31 -3.06
CA TYR A 38 -0.15 16.31 -2.41
C TYR A 38 0.98 16.70 -3.34
N LYS A 39 1.20 18.01 -3.48
CA LYS A 39 2.16 18.53 -4.44
C LYS A 39 3.57 18.01 -4.17
N ASN A 40 3.92 17.81 -2.91
CA ASN A 40 5.29 17.48 -2.52
C ASN A 40 5.56 15.98 -2.42
N ILE A 41 4.53 15.12 -2.49
CA ILE A 41 4.70 13.68 -2.39
C ILE A 41 4.60 13.07 -3.77
N LEU A 42 5.74 12.60 -4.31
CA LEU A 42 5.85 12.16 -5.69
C LEU A 42 6.65 10.86 -5.75
N PRO A 43 6.35 9.99 -6.71
CA PRO A 43 7.13 8.75 -6.85
C PRO A 43 8.49 9.02 -7.49
N PHE A 44 9.50 8.28 -7.01
CA PHE A 44 10.78 8.27 -7.70
C PHE A 44 10.57 7.72 -9.11
N ASP A 45 11.25 8.32 -10.10
CA ASP A 45 11.08 7.87 -11.48
C ASP A 45 11.50 6.42 -11.66
N HIS A 46 12.60 6.00 -11.04
CA HIS A 46 13.17 4.71 -11.38
C HIS A 46 12.38 3.53 -10.80
N THR A 47 11.55 3.73 -9.77
CA THR A 47 10.70 2.68 -9.24
C THR A 47 9.21 2.92 -9.47
N ARG A 48 8.83 4.00 -10.15
CA ARG A 48 7.40 4.26 -10.32
C ARG A 48 6.75 3.17 -11.16
N VAL A 49 5.45 2.95 -10.93
CA VAL A 49 4.68 2.04 -11.76
C VAL A 49 4.35 2.76 -13.06
N VAL A 50 4.89 2.27 -14.18
CA VAL A 50 4.65 2.87 -15.50
C VAL A 50 3.43 2.18 -16.12
N LEU A 51 2.39 2.95 -16.42
CA LEU A 51 1.15 2.40 -16.95
C LEU A 51 1.21 2.33 -18.47
N HIS A 52 1.18 1.12 -19.01
CA HIS A 52 1.19 0.92 -20.44
C HIS A 52 -0.24 0.82 -20.96
N ASP A 53 -0.38 0.70 -22.28
CA ASP A 53 -1.67 0.41 -22.92
C ASP A 53 -2.70 1.52 -22.70
N GLY A 54 -2.25 2.76 -22.55
CA GLY A 54 -3.18 3.85 -22.33
C GLY A 54 -3.89 4.31 -23.59
N ASP A 55 -4.91 5.13 -23.38
CA ASP A 55 -5.69 5.71 -24.47
C ASP A 55 -4.77 6.51 -25.40
N PRO A 56 -4.69 6.17 -26.69
CA PRO A 56 -3.76 6.88 -27.58
C PRO A 56 -4.06 8.36 -27.73
N ASN A 57 -5.28 8.80 -27.38
CA ASN A 57 -5.62 10.22 -27.51
C ASN A 57 -5.14 11.03 -26.32
N GLU A 58 -4.73 10.39 -25.24
CA GLU A 58 -4.23 11.09 -24.06
CA GLU A 58 -4.23 11.10 -24.06
C GLU A 58 -2.73 11.27 -24.20
N PRO A 59 -2.21 12.52 -24.26
CA PRO A 59 -0.77 12.70 -24.46
C PRO A 59 0.10 12.10 -23.37
N VAL A 60 -0.34 12.10 -22.12
CA VAL A 60 0.39 11.47 -21.03
C VAL A 60 -0.58 10.49 -20.37
N SER A 61 -0.32 9.20 -20.56
CA SER A 61 -1.23 8.17 -20.05
C SER A 61 -0.50 7.13 -19.21
N ASP A 62 0.77 7.34 -18.89
CA ASP A 62 1.58 6.31 -18.25
C ASP A 62 1.85 6.57 -16.79
N TYR A 63 1.15 7.51 -16.16
CA TYR A 63 1.54 7.96 -14.81
C TYR A 63 0.49 7.64 -13.78
N ILE A 64 0.96 7.15 -12.63
CA ILE A 64 0.18 7.06 -11.40
C ILE A 64 1.14 7.26 -10.25
N ASN A 65 0.66 7.88 -9.16
CA ASN A 65 1.50 8.15 -8.00
C ASN A 65 1.62 6.86 -7.19
N ALA A 66 2.57 6.02 -7.61
CA ALA A 66 2.75 4.67 -7.06
C ALA A 66 4.16 4.21 -7.35
N ASN A 67 4.72 3.41 -6.42
CA ASN A 67 6.05 2.84 -6.61
C ASN A 67 6.04 1.36 -6.25
N ILE A 68 6.83 0.58 -6.98
CA ILE A 68 7.12 -0.79 -6.55
C ILE A 68 8.06 -0.74 -5.35
N ILE A 69 7.76 -1.52 -4.31
CA ILE A 69 8.61 -1.68 -3.14
C ILE A 69 9.05 -3.13 -3.07
N MET A 70 10.37 -3.38 -3.23
CA MET A 70 10.87 -4.73 -3.02
C MET A 70 11.47 -4.84 -1.63
N PRO A 71 11.15 -5.88 -0.86
CA PRO A 71 11.82 -6.05 0.44
C PRO A 71 13.28 -6.45 0.30
N GLU A 72 13.64 -7.20 -0.75
CA GLU A 72 15.04 -7.55 -1.00
C GLU A 72 15.35 -7.29 -2.46
N PHE A 73 16.65 -7.25 -2.78
CA PHE A 73 17.06 -6.85 -4.11
C PHE A 73 16.58 -7.81 -5.19
N GLY A 74 16.47 -9.09 -4.87
CA GLY A 74 16.03 -10.04 -5.88
C GLY A 74 14.60 -10.49 -5.68
N SER A 75 13.76 -9.66 -5.06
CA SER A 75 12.42 -10.08 -4.69
C SER A 75 11.56 -10.32 -5.92
N SER A 76 10.85 -11.43 -5.91
CA SER A 76 9.82 -11.69 -6.90
C SER A 76 8.70 -10.67 -6.80
N GLY A 77 7.93 -10.53 -7.86
CA GLY A 77 6.76 -9.67 -7.80
C GLY A 77 5.80 -10.12 -6.73
N LYS A 78 5.68 -11.43 -6.52
CA LYS A 78 4.76 -11.96 -5.51
C LYS A 78 5.16 -11.53 -4.11
N LYS A 79 6.46 -11.37 -3.86
CA LYS A 79 6.97 -10.93 -2.56
C LYS A 79 7.15 -9.42 -2.45
N SER A 80 6.67 -8.64 -3.42
CA SER A 80 6.82 -7.19 -3.38
C SER A 80 5.49 -6.51 -3.12
N TYR A 81 5.55 -5.18 -3.04
CA TYR A 81 4.39 -4.35 -2.75
C TYR A 81 4.33 -3.25 -3.79
N ILE A 82 3.14 -2.65 -3.92
CA ILE A 82 3.01 -1.34 -4.55
C ILE A 82 2.51 -0.37 -3.49
N ALA A 83 3.27 0.69 -3.26
CA ALA A 83 2.84 1.75 -2.33
C ALA A 83 2.24 2.86 -3.16
N THR A 84 0.98 3.21 -2.88
CA THR A 84 0.31 4.24 -3.68
C THR A 84 -0.60 5.07 -2.80
N GLN A 85 -0.99 6.22 -3.34
CA GLN A 85 -1.96 7.09 -2.67
C GLN A 85 -3.37 6.55 -2.90
N GLY A 86 -4.29 6.99 -2.03
CA GLY A 86 -5.69 6.74 -2.28
C GLY A 86 -6.13 7.40 -3.58
N CYS A 87 -7.05 6.73 -4.28
CA CYS A 87 -7.59 7.24 -5.53
C CYS A 87 -8.09 8.67 -5.37
N LEU A 88 -7.82 9.49 -6.37
CA LEU A 88 -8.56 10.73 -6.58
C LEU A 88 -9.73 10.44 -7.53
N GLN A 89 -10.66 11.39 -7.60
CA GLN A 89 -11.80 11.19 -8.52
C GLN A 89 -11.32 10.89 -9.94
N ASN A 90 -10.22 11.51 -10.37
CA ASN A 90 -9.72 11.36 -11.73
C ASN A 90 -8.62 10.31 -11.88
N THR A 91 -8.27 9.54 -10.84
CA THR A 91 -7.28 8.48 -10.98
C THR A 91 -7.85 7.09 -10.67
N VAL A 92 -9.16 7.00 -10.44
CA VAL A 92 -9.77 5.69 -10.19
C VAL A 92 -9.49 4.73 -11.34
N ASN A 93 -9.70 5.20 -12.57
CA ASN A 93 -9.47 4.34 -13.73
C ASN A 93 -8.00 3.93 -13.82
N ASP A 94 -7.07 4.87 -13.57
CA ASP A 94 -5.64 4.56 -13.58
C ASP A 94 -5.29 3.54 -12.51
N PHE A 95 -5.94 3.64 -11.34
CA PHE A 95 -5.70 2.66 -10.28
C PHE A 95 -6.03 1.25 -10.73
N TRP A 96 -7.19 1.06 -11.38
CA TRP A 96 -7.52 -0.29 -11.82
C TRP A 96 -6.64 -0.73 -12.99
N ARG A 97 -6.22 0.19 -13.86
CA ARG A 97 -5.25 -0.17 -14.89
C ARG A 97 -3.98 -0.72 -14.25
N MET A 98 -3.56 -0.11 -13.14
CA MET A 98 -2.37 -0.57 -12.43
C MET A 98 -2.59 -1.96 -11.86
N VAL A 99 -3.69 -2.16 -11.13
CA VAL A 99 -3.99 -3.47 -10.55
C VAL A 99 -3.98 -4.54 -11.63
N PHE A 100 -4.63 -4.26 -12.75
CA PHE A 100 -4.72 -5.25 -13.82
C PHE A 100 -3.34 -5.55 -14.40
N GLN A 101 -2.59 -4.49 -14.74
CA GLN A 101 -1.31 -4.68 -15.42
C GLN A 101 -0.30 -5.40 -14.54
N GLU A 102 -0.28 -5.09 -13.25
CA GLU A 102 0.69 -5.70 -12.36
C GLU A 102 0.23 -7.05 -11.82
N ASN A 103 -0.97 -7.50 -12.18
CA ASN A 103 -1.50 -8.79 -11.75
C ASN A 103 -1.64 -8.86 -10.22
N SER A 104 -1.83 -7.71 -9.58
CA SER A 104 -2.04 -7.68 -8.14
C SER A 104 -3.34 -8.38 -7.79
N ARG A 105 -3.32 -9.18 -6.73
CA ARG A 105 -4.50 -9.94 -6.32
C ARG A 105 -4.98 -9.55 -4.94
N VAL A 106 -4.24 -8.70 -4.24
CA VAL A 106 -4.57 -8.30 -2.87
C VAL A 106 -4.35 -6.80 -2.77
N ILE A 107 -5.33 -6.09 -2.20
CA ILE A 107 -5.24 -4.66 -1.97
C ILE A 107 -5.41 -4.42 -0.48
N VAL A 108 -4.50 -3.65 0.10
CA VAL A 108 -4.59 -3.24 1.50
C VAL A 108 -4.95 -1.76 1.53
N MET A 109 -6.14 -1.44 2.04
CA MET A 109 -6.59 -0.07 2.20
C MET A 109 -6.49 0.32 3.67
N THR A 110 -5.69 1.32 4.00
CA THR A 110 -5.38 1.65 5.39
C THR A 110 -6.18 2.82 5.94
N THR A 111 -7.12 3.39 5.19
CA THR A 111 -7.89 4.55 5.63
C THR A 111 -9.37 4.31 5.39
N LYS A 112 -10.21 5.13 6.04
CA LYS A 112 -11.58 5.29 5.58
C LYS A 112 -11.56 6.14 4.30
N GLU A 113 -12.71 6.22 3.61
CA GLU A 113 -12.75 7.08 2.43
C GLU A 113 -12.56 8.54 2.83
N VAL A 114 -13.17 8.94 3.94
CA VAL A 114 -13.11 10.29 4.45
C VAL A 114 -12.79 10.20 5.93
N GLU A 115 -11.86 11.03 6.39
CA GLU A 115 -11.51 11.12 7.80
C GLU A 115 -11.47 12.60 8.21
N ARG A 116 -12.24 12.94 9.24
CA ARG A 116 -12.33 14.32 9.74
C ARG A 116 -12.65 15.29 8.61
N GLY A 117 -13.56 14.88 7.72
CA GLY A 117 -14.05 15.74 6.66
C GLY A 117 -13.16 15.88 5.45
N LYS A 118 -12.08 15.09 5.35
CA LYS A 118 -11.13 15.19 4.24
C LYS A 118 -11.04 13.85 3.53
N SER A 119 -11.12 13.88 2.20
CA SER A 119 -11.03 12.68 1.39
C SER A 119 -9.62 12.08 1.44
N LYS A 120 -9.53 10.83 1.87
CA LYS A 120 -8.28 10.08 1.83
C LYS A 120 -8.22 9.10 0.68
N CYS A 121 -9.37 8.82 0.05
CA CYS A 121 -9.47 7.82 -0.99
C CYS A 121 -10.88 7.83 -1.56
N VAL A 122 -11.02 8.15 -2.85
CA VAL A 122 -12.34 8.08 -3.49
C VAL A 122 -12.71 6.61 -3.64
N LYS A 123 -13.97 6.28 -3.34
CA LYS A 123 -14.45 4.90 -3.44
C LYS A 123 -14.21 4.35 -4.83
N TYR A 124 -13.46 3.27 -4.92
CA TYR A 124 -13.08 2.70 -6.21
C TYR A 124 -13.66 1.30 -6.42
N TRP A 125 -14.55 0.86 -5.54
CA TRP A 125 -15.15 -0.46 -5.64
C TRP A 125 -16.68 -0.34 -5.68
N PRO A 126 -17.36 -1.26 -6.34
CA PRO A 126 -18.82 -1.25 -6.34
C PRO A 126 -19.39 -1.64 -4.98
N ASP A 127 -20.66 -1.30 -4.78
CA ASP A 127 -21.38 -1.81 -3.62
C ASP A 127 -21.48 -3.33 -3.71
N GLU A 128 -21.73 -3.97 -2.57
CA GLU A 128 -21.84 -5.42 -2.55
C GLU A 128 -22.88 -5.92 -3.54
N TYR A 129 -22.49 -6.90 -4.34
CA TYR A 129 -23.28 -7.58 -5.37
C TYR A 129 -23.46 -6.71 -6.60
N ALA A 130 -22.88 -5.51 -6.64
CA ALA A 130 -23.02 -4.62 -7.77
C ALA A 130 -21.81 -4.72 -8.69
N LEU A 131 -21.98 -4.21 -9.90
CA LEU A 131 -20.97 -4.22 -10.93
C LEU A 131 -20.77 -2.79 -11.41
N LYS A 132 -19.53 -2.42 -11.69
CA LYS A 132 -19.26 -1.10 -12.22
C LYS A 132 -18.11 -1.16 -13.20
N GLU A 133 -18.20 -0.33 -14.24
CA GLU A 133 -17.12 -0.19 -15.21
C GLU A 133 -16.29 1.04 -14.88
N TYR A 134 -14.98 0.86 -14.74
CA TYR A 134 -14.03 1.93 -14.49
C TYR A 134 -13.14 2.02 -15.73
N GLY A 135 -13.50 2.89 -16.67
CA GLY A 135 -12.77 2.92 -17.92
C GLY A 135 -12.90 1.59 -18.62
N VAL A 136 -11.75 1.03 -19.03
CA VAL A 136 -11.77 -0.26 -19.72
C VAL A 136 -11.93 -1.46 -18.79
N MET A 137 -11.94 -1.25 -17.48
CA MET A 137 -11.97 -2.34 -16.51
C MET A 137 -13.37 -2.52 -15.91
N ARG A 138 -13.78 -3.78 -15.76
CA ARG A 138 -15.04 -4.15 -15.11
C ARG A 138 -14.74 -4.76 -13.75
N VAL A 139 -15.45 -4.33 -12.72
CA VAL A 139 -15.28 -4.84 -11.36
C VAL A 139 -16.64 -5.27 -10.80
N ARG A 140 -16.74 -6.54 -10.38
N ARG A 140 -16.72 -6.52 -10.34
CA ARG A 140 -17.89 -7.02 -9.62
CA ARG A 140 -17.88 -7.02 -9.63
C ARG A 140 -17.48 -7.17 -8.17
C ARG A 140 -17.53 -7.24 -8.17
N ASN A 141 -18.32 -6.69 -7.26
CA ASN A 141 -18.14 -6.93 -5.82
C ASN A 141 -18.98 -8.15 -5.47
N VAL A 142 -18.31 -9.28 -5.24
CA VAL A 142 -18.99 -10.57 -5.12
C VAL A 142 -19.52 -10.78 -3.70
N LYS A 143 -18.77 -10.34 -2.69
CA LYS A 143 -19.15 -10.57 -1.31
C LYS A 143 -18.29 -9.70 -0.40
N GLU A 144 -18.87 -9.28 0.72
CA GLU A 144 -18.17 -8.56 1.75
C GLU A 144 -18.28 -9.34 3.06
N SER A 145 -17.17 -9.43 3.79
CA SER A 145 -17.15 -10.05 5.11
C SER A 145 -16.60 -9.04 6.10
N ALA A 146 -17.37 -8.76 7.14
CA ALA A 146 -16.93 -7.83 8.17
C ALA A 146 -16.19 -8.57 9.27
N ALA A 147 -15.05 -8.04 9.65
CA ALA A 147 -14.35 -8.43 10.86
C ALA A 147 -14.36 -7.26 11.82
N HIS A 148 -13.79 -7.47 13.01
CA HIS A 148 -13.78 -6.39 13.99
C HIS A 148 -13.06 -5.17 13.43
N ASP A 149 -11.87 -5.35 12.89
CA ASP A 149 -11.05 -4.22 12.49
C ASP A 149 -11.08 -3.95 10.99
N TYR A 150 -11.67 -4.83 10.20
CA TYR A 150 -11.54 -4.68 8.76
C TYR A 150 -12.72 -5.33 8.05
N THR A 151 -12.89 -4.96 6.78
CA THR A 151 -13.84 -5.59 5.90
C THR A 151 -13.09 -6.18 4.72
N LEU A 152 -13.42 -7.40 4.36
CA LEU A 152 -12.86 -8.06 3.19
C LEU A 152 -13.87 -7.97 2.05
N ARG A 153 -13.46 -7.40 0.93
CA ARG A 153 -14.33 -7.34 -0.26
C ARG A 153 -13.72 -8.24 -1.33
N GLU A 154 -14.47 -9.25 -1.75
CA GLU A 154 -14.04 -10.16 -2.80
C GLU A 154 -14.47 -9.56 -4.13
N LEU A 155 -13.52 -8.96 -4.84
CA LEU A 155 -13.77 -8.30 -6.11
C LEU A 155 -13.29 -9.19 -7.27
N LYS A 156 -13.99 -9.12 -8.39
CA LYS A 156 -13.58 -9.80 -9.61
C LYS A 156 -13.39 -8.76 -10.69
N LEU A 157 -12.16 -8.65 -11.19
CA LEU A 157 -11.74 -7.61 -12.12
C LEU A 157 -11.47 -8.23 -13.49
N SER A 158 -11.98 -7.61 -14.53
CA SER A 158 -11.71 -8.07 -15.90
C SER A 158 -11.61 -6.85 -16.80
N LYS A 159 -11.09 -7.06 -18.00
CA LYS A 159 -11.05 -6.02 -19.02
C LYS A 159 -12.31 -6.10 -19.86
N VAL A 160 -13.04 -4.99 -19.94
CA VAL A 160 -14.31 -4.98 -20.67
C VAL A 160 -14.11 -5.57 -22.05
N GLY A 161 -14.98 -6.51 -22.41
CA GLY A 161 -14.93 -7.13 -23.71
C GLY A 161 -14.01 -8.34 -23.86
N GLN A 162 -12.77 -8.22 -23.39
CA GLN A 162 -11.80 -9.27 -23.62
C GLN A 162 -12.10 -10.49 -22.74
N GLY A 163 -12.20 -11.65 -23.38
CA GLY A 163 -12.39 -12.87 -22.65
C GLY A 163 -11.11 -13.37 -22.00
N ASN A 164 -11.28 -14.16 -20.94
CA ASN A 164 -10.16 -14.76 -20.22
C ASN A 164 -9.22 -13.70 -19.65
N THR A 165 -9.79 -12.64 -19.07
CA THR A 165 -8.97 -11.68 -18.33
C THR A 165 -9.48 -11.50 -16.90
N GLU A 166 -10.47 -12.28 -16.47
CA GLU A 166 -11.04 -12.13 -15.15
C GLU A 166 -10.12 -12.73 -14.09
N ARG A 167 -9.98 -12.02 -12.96
CA ARG A 167 -9.26 -12.53 -11.81
C ARG A 167 -9.85 -11.91 -10.55
N THR A 168 -9.77 -12.65 -9.46
CA THR A 168 -10.25 -12.17 -8.17
C THR A 168 -9.21 -11.30 -7.49
N VAL A 169 -9.64 -10.13 -7.00
CA VAL A 169 -8.79 -9.22 -6.25
C VAL A 169 -9.43 -9.04 -4.88
N TRP A 170 -8.67 -9.35 -3.84
CA TRP A 170 -9.16 -9.37 -2.46
C TRP A 170 -8.80 -8.04 -1.81
N GLN A 171 -9.81 -7.24 -1.46
CA GLN A 171 -9.56 -5.93 -0.86
C GLN A 171 -9.73 -6.04 0.65
N TYR A 172 -8.62 -5.92 1.37
CA TYR A 172 -8.62 -5.92 2.83
C TYR A 172 -8.66 -4.46 3.27
N HIS A 173 -9.80 -4.03 3.79
CA HIS A 173 -10.05 -2.63 4.10
C HIS A 173 -9.97 -2.46 5.62
N PHE A 174 -8.83 -1.95 6.10
CA PHE A 174 -8.67 -1.70 7.52
C PHE A 174 -9.47 -0.45 7.90
N ARG A 175 -10.38 -0.60 8.87
CA ARG A 175 -11.40 0.41 9.14
C ARG A 175 -11.20 1.17 10.44
N THR A 176 -10.35 0.69 11.35
CA THR A 176 -10.34 1.21 12.71
C THR A 176 -9.10 2.03 13.04
N TRP A 177 -8.28 2.35 12.06
CA TRP A 177 -7.11 3.16 12.37
C TRP A 177 -7.58 4.52 12.86
N PRO A 178 -7.03 5.04 13.94
CA PRO A 178 -7.57 6.28 14.52
C PRO A 178 -7.27 7.48 13.63
N ASP A 179 -8.14 8.50 13.75
CA ASP A 179 -7.98 9.72 12.96
C ASP A 179 -6.66 10.41 13.24
N HIS A 180 -6.18 10.35 14.49
CA HIS A 180 -4.90 10.88 14.90
C HIS A 180 -4.09 9.80 15.58
N GLY A 181 -2.77 9.86 15.44
CA GLY A 181 -1.91 8.91 16.11
C GLY A 181 -1.96 7.53 15.49
N VAL A 182 -1.68 6.52 16.31
CA VAL A 182 -1.62 5.13 15.87
C VAL A 182 -2.43 4.31 16.85
N PRO A 183 -2.81 3.07 16.48
CA PRO A 183 -3.50 2.22 17.46
C PRO A 183 -2.62 2.03 18.68
N SER A 184 -3.24 1.94 19.86
CA SER A 184 -2.45 1.77 21.05
C SER A 184 -1.99 0.33 21.27
N ASP A 185 -2.46 -0.60 20.44
CA ASP A 185 -2.07 -2.00 20.51
C ASP A 185 -2.03 -2.56 19.09
N PRO A 186 -1.02 -3.36 18.75
CA PRO A 186 -0.88 -3.83 17.36
C PRO A 186 -1.68 -5.07 17.02
N GLY A 187 -2.49 -5.58 17.97
CA GLY A 187 -3.21 -6.83 17.73
C GLY A 187 -4.03 -6.84 16.45
N GLY A 188 -4.85 -5.80 16.27
CA GLY A 188 -5.67 -5.74 15.06
C GLY A 188 -4.86 -5.76 13.78
N VAL A 189 -3.78 -4.99 13.74
CA VAL A 189 -2.97 -4.92 12.52
C VAL A 189 -2.30 -6.26 12.26
N LEU A 190 -1.83 -6.93 13.32
CA LEU A 190 -1.15 -8.21 13.12
C LEU A 190 -2.09 -9.28 12.58
N ASP A 191 -3.27 -9.43 13.19
CA ASP A 191 -4.23 -10.41 12.69
CA ASP A 191 -4.22 -10.41 12.68
C ASP A 191 -4.60 -10.11 11.24
N PHE A 192 -4.78 -8.82 10.93
CA PHE A 192 -5.10 -8.38 9.58
C PHE A 192 -3.99 -8.76 8.60
N LEU A 193 -2.75 -8.41 8.93
CA LEU A 193 -1.62 -8.75 8.06
CA LEU A 193 -1.64 -8.75 8.04
C LEU A 193 -1.46 -10.26 7.92
N GLU A 194 -1.86 -11.01 8.94
CA GLU A 194 -1.79 -12.46 8.83
C GLU A 194 -2.75 -12.98 7.77
N GLU A 195 -3.96 -12.41 7.70
CA GLU A 195 -4.91 -12.81 6.67
C GLU A 195 -4.45 -12.37 5.29
N VAL A 196 -3.94 -11.13 5.20
CA VAL A 196 -3.38 -10.62 3.95
C VAL A 196 -2.31 -11.57 3.42
N HIS A 197 -1.37 -11.94 4.29
CA HIS A 197 -0.23 -12.75 3.83
C HIS A 197 -0.68 -14.13 3.38
N HIS A 198 -1.53 -14.81 4.17
CA HIS A 198 -1.99 -16.13 3.78
C HIS A 198 -2.81 -16.07 2.49
N LYS A 199 -3.57 -14.99 2.29
CA LYS A 199 -4.30 -14.87 1.02
C LYS A 199 -3.32 -14.74 -0.13
N GLN A 200 -2.34 -13.86 0.02
CA GLN A 200 -1.39 -13.61 -1.06
C GLN A 200 -0.59 -14.87 -1.39
N GLU A 201 -0.10 -15.58 -0.36
CA GLU A 201 0.71 -16.77 -0.64
C GLU A 201 -0.09 -17.90 -1.27
N SER A 202 -1.43 -17.90 -1.12
CA SER A 202 -2.25 -18.98 -1.66
C SER A 202 -2.55 -18.81 -3.14
N ILE A 203 -2.27 -17.65 -3.73
CA ILE A 203 -2.48 -17.41 -5.15
C ILE A 203 -1.14 -17.51 -5.86
N MET A 204 -0.98 -18.50 -6.73
CA MET A 204 0.27 -18.60 -7.44
C MET A 204 0.30 -17.60 -8.59
N ASP A 205 1.50 -17.08 -8.86
CA ASP A 205 1.74 -16.04 -9.86
C ASP A 205 1.01 -14.73 -9.54
N ALA A 206 0.66 -14.51 -8.27
CA ALA A 206 0.13 -13.22 -7.87
C ALA A 206 1.18 -12.14 -8.05
N GLY A 207 0.73 -10.93 -8.38
CA GLY A 207 1.60 -9.79 -8.47
C GLY A 207 1.76 -9.14 -7.12
N PRO A 208 2.42 -7.97 -7.08
CA PRO A 208 2.67 -7.29 -5.80
C PRO A 208 1.38 -6.89 -5.09
N VAL A 209 1.43 -6.91 -3.76
CA VAL A 209 0.31 -6.46 -2.94
C VAL A 209 0.26 -4.94 -2.98
N VAL A 210 -0.91 -4.40 -3.30
CA VAL A 210 -1.10 -2.96 -3.35
C VAL A 210 -1.51 -2.47 -1.96
N VAL A 211 -0.80 -1.45 -1.46
CA VAL A 211 -1.10 -0.87 -0.15
C VAL A 211 -1.29 0.63 -0.35
N HIS A 212 -2.37 1.20 0.20
CA HIS A 212 -2.56 2.64 0.03
C HIS A 212 -3.04 3.33 1.29
N SER A 213 -2.69 4.60 1.38
CA SER A 213 -3.14 5.56 2.39
C SER A 213 -3.32 6.89 1.67
N SER A 214 -3.61 7.97 2.41
CA SER A 214 -3.91 9.23 1.73
CA SER A 214 -3.90 9.24 1.75
C SER A 214 -2.74 9.70 0.87
N ALA A 215 -1.51 9.64 1.38
CA ALA A 215 -0.35 10.03 0.58
C ALA A 215 0.43 8.85 0.06
N GLY A 216 0.17 7.64 0.56
CA GLY A 216 0.93 6.49 0.14
C GLY A 216 2.28 6.33 0.83
N ILE A 217 2.52 6.98 1.97
CA ILE A 217 3.83 6.84 2.60
C ILE A 217 3.76 6.59 4.11
N GLY A 218 2.80 7.20 4.79
CA GLY A 218 2.78 7.14 6.24
C GLY A 218 2.24 5.83 6.78
N ARG A 219 0.90 5.71 6.80
CA ARG A 219 0.29 4.43 7.11
C ARG A 219 0.76 3.35 6.15
N THR A 220 0.94 3.70 4.87
CA THR A 220 1.38 2.71 3.89
C THR A 220 2.73 2.13 4.28
N GLY A 221 3.69 2.99 4.62
CA GLY A 221 5.02 2.49 5.00
C GLY A 221 4.98 1.69 6.29
N THR A 222 4.12 2.10 7.23
CA THR A 222 4.02 1.40 8.51
C THR A 222 3.52 -0.03 8.30
N PHE A 223 2.45 -0.19 7.50
CA PHE A 223 1.92 -1.51 7.23
C PHE A 223 2.93 -2.37 6.47
N ILE A 224 3.58 -1.78 5.46
CA ILE A 224 4.51 -2.56 4.65
C ILE A 224 5.71 -3.02 5.48
N VAL A 225 6.29 -2.12 6.29
CA VAL A 225 7.49 -2.48 7.03
C VAL A 225 7.16 -3.55 8.08
N ILE A 226 6.02 -3.44 8.74
CA ILE A 226 5.62 -4.50 9.67
C ILE A 226 5.49 -5.82 8.93
N ASP A 227 4.84 -5.80 7.76
CA ASP A 227 4.66 -7.05 7.02
C ASP A 227 6.01 -7.65 6.62
N ILE A 228 6.95 -6.81 6.19
CA ILE A 228 8.28 -7.29 5.83
C ILE A 228 8.95 -7.95 7.01
N LEU A 229 8.88 -7.30 8.18
CA LEU A 229 9.63 -7.79 9.33
C LEU A 229 9.02 -9.08 9.88
N ILE A 230 7.69 -9.15 10.00
CA ILE A 230 7.13 -10.38 10.55
C ILE A 230 7.34 -11.54 9.58
N ASP A 231 7.43 -11.26 8.28
CA ASP A 231 7.73 -12.33 7.33
C ASP A 231 9.17 -12.82 7.46
N ILE A 232 10.10 -11.94 7.86
CA ILE A 232 11.45 -12.41 8.18
C ILE A 232 11.40 -13.35 9.37
N ILE A 233 10.64 -12.98 10.40
CA ILE A 233 10.48 -13.83 11.57
C ILE A 233 9.79 -15.13 11.19
N ARG A 234 8.76 -15.05 10.33
CA ARG A 234 8.12 -16.27 9.85
C ARG A 234 9.13 -17.21 9.20
N GLU A 235 10.06 -16.65 8.43
CA GLU A 235 10.99 -17.46 7.65
C GLU A 235 12.22 -17.91 8.44
N LYS A 236 12.66 -17.12 9.41
CA LYS A 236 13.93 -17.41 10.06
C LYS A 236 13.86 -17.51 11.58
N GLY A 237 12.67 -17.49 12.17
CA GLY A 237 12.52 -17.74 13.58
C GLY A 237 12.68 -16.50 14.44
N VAL A 238 12.22 -16.63 15.69
CA VAL A 238 12.03 -15.46 16.55
C VAL A 238 13.33 -14.90 17.13
N ASP A 239 14.46 -15.60 16.98
CA ASP A 239 15.74 -15.07 17.42
C ASP A 239 16.59 -14.54 16.28
N CYS A 240 16.04 -14.45 15.07
CA CYS A 240 16.76 -13.82 13.97
C CYS A 240 16.90 -12.33 14.24
N ASP A 241 17.89 -11.72 13.60
CA ASP A 241 18.16 -10.32 13.89
C ASP A 241 17.29 -9.40 13.04
N ILE A 242 16.69 -8.42 13.69
CA ILE A 242 15.74 -7.50 13.08
C ILE A 242 16.37 -6.12 13.13
N ASP A 243 16.40 -5.45 11.98
CA ASP A 243 16.99 -4.12 11.86
C ASP A 243 15.90 -3.21 11.32
N VAL A 244 15.12 -2.60 12.22
CA VAL A 244 14.06 -1.70 11.79
C VAL A 244 14.61 -0.54 10.96
N PRO A 245 15.62 0.21 11.42
CA PRO A 245 16.11 1.33 10.59
C PRO A 245 16.56 0.90 9.20
N LYS A 246 17.32 -0.18 9.07
CA LYS A 246 17.79 -0.58 7.74
C LYS A 246 16.63 -0.97 6.85
N THR A 247 15.60 -1.59 7.41
CA THR A 247 14.42 -1.94 6.62
C THR A 247 13.69 -0.68 6.14
N ILE A 248 13.57 0.33 7.00
CA ILE A 248 12.95 1.58 6.58
C ILE A 248 13.81 2.26 5.52
N GLN A 249 15.13 2.23 5.71
CA GLN A 249 16.03 2.74 4.67
C GLN A 249 15.79 2.02 3.35
N MET A 250 15.64 0.69 3.39
CA MET A 250 15.41 -0.06 2.16
C MET A 250 14.15 0.41 1.45
N VAL A 251 13.05 0.55 2.18
CA VAL A 251 11.83 0.95 1.46
C VAL A 251 11.88 2.42 1.07
N ARG A 252 12.57 3.26 1.86
CA ARG A 252 12.69 4.67 1.50
C ARG A 252 13.55 4.89 0.25
N SER A 253 14.46 3.96 -0.07
CA SER A 253 15.18 4.07 -1.32
C SER A 253 14.31 3.81 -2.55
N GLN A 254 13.05 3.39 -2.36
CA GLN A 254 12.16 3.12 -3.48
C GLN A 254 10.91 4.01 -3.50
N ARG A 255 10.58 4.68 -2.39
CA ARG A 255 9.52 5.70 -2.35
C ARG A 255 9.83 6.59 -1.16
N SER A 256 9.83 7.91 -1.38
CA SER A 256 10.41 8.79 -0.37
C SER A 256 9.48 8.90 0.83
N GLY A 257 10.08 8.97 2.01
CA GLY A 257 9.33 9.33 3.19
C GLY A 257 8.49 8.24 3.82
N MET A 258 8.68 6.97 3.43
CA MET A 258 7.89 5.90 4.03
C MET A 258 8.12 5.86 5.55
N VAL A 259 7.01 5.75 6.29
CA VAL A 259 6.93 5.84 7.76
C VAL A 259 7.17 7.28 8.18
N GLN A 260 6.09 7.97 8.57
CA GLN A 260 6.10 9.42 8.69
C GLN A 260 6.34 9.95 10.10
N THR A 261 5.88 9.26 11.15
CA THR A 261 5.90 9.81 12.50
C THR A 261 6.64 8.90 13.46
N GLU A 262 7.09 9.49 14.58
CA GLU A 262 7.74 8.67 15.58
C GLU A 262 6.77 7.70 16.24
N ALA A 263 5.49 8.06 16.33
CA ALA A 263 4.50 7.12 16.85
C ALA A 263 4.36 5.91 15.94
N GLN A 264 4.38 6.12 14.63
CA GLN A 264 4.40 4.99 13.70
C GLN A 264 5.66 4.15 13.89
N TYR A 265 6.80 4.82 14.09
CA TYR A 265 8.05 4.12 14.31
C TYR A 265 7.96 3.22 15.55
N ARG A 266 7.49 3.77 16.68
CA ARG A 266 7.33 2.95 17.87
CA ARG A 266 7.31 2.97 17.88
C ARG A 266 6.31 1.85 17.65
N PHE A 267 5.27 2.12 16.85
CA PHE A 267 4.24 1.12 16.57
C PHE A 267 4.83 -0.08 15.85
N ILE A 268 5.77 0.16 14.93
CA ILE A 268 6.44 -0.93 14.21
C ILE A 268 7.17 -1.84 15.17
N TYR A 269 8.00 -1.25 16.05
CA TYR A 269 8.70 -2.07 17.05
C TYR A 269 7.73 -2.87 17.90
N MET A 270 6.62 -2.23 18.30
CA MET A 270 5.67 -2.91 19.16
C MET A 270 5.03 -4.10 18.43
N ALA A 271 4.67 -3.89 17.17
CA ALA A 271 4.06 -4.98 16.40
C ALA A 271 5.00 -6.17 16.30
N VAL A 272 6.28 -5.92 16.02
CA VAL A 272 7.23 -7.02 15.89
C VAL A 272 7.35 -7.76 17.22
N GLN A 273 7.52 -7.02 18.31
CA GLN A 273 7.66 -7.66 19.62
C GLN A 273 6.42 -8.46 19.98
N HIS A 274 5.24 -7.98 19.59
CA HIS A 274 4.02 -8.74 19.83
C HIS A 274 4.00 -10.01 18.99
N TYR A 275 4.36 -9.91 17.72
CA TYR A 275 4.41 -11.10 16.88
C TYR A 275 5.35 -12.15 17.46
N ILE A 276 6.55 -11.73 17.91
CA ILE A 276 7.45 -12.68 18.57
C ILE A 276 6.78 -13.29 19.79
N GLU A 277 6.22 -12.43 20.66
CA GLU A 277 5.55 -12.92 21.86
C GLU A 277 4.43 -13.90 21.53
N THR A 278 3.71 -13.67 20.44
CA THR A 278 2.60 -14.56 20.10
C THR A 278 3.10 -15.95 19.73
N LEU A 279 4.27 -16.05 19.10
CA LEU A 279 4.79 -17.36 18.73
C LEU A 279 5.39 -18.07 19.94
N GLN A 280 6.07 -17.34 20.82
CA GLN A 280 6.57 -17.96 22.06
C GLN A 280 5.41 -18.37 22.96
N ARG A 281 4.48 -17.45 23.21
CA ARG A 281 3.26 -17.72 23.99
C ARG A 281 2.27 -18.46 23.10
N ARG A 282 2.57 -19.75 22.87
CA ARG A 282 1.77 -20.62 22.01
C ARG A 282 1.38 -19.95 20.68
N SER B 7 -2.58 20.49 -0.18
CA SER B 7 -1.41 20.73 -1.01
C SER B 7 -0.14 20.16 -0.38
N ASP B 8 -0.01 20.21 0.94
CA ASP B 8 1.16 19.65 1.63
C ASP B 8 0.78 18.61 2.68
N MET B 10 0.67 17.12 5.79
CA MET B 10 1.11 17.43 7.15
C MET B 10 1.40 16.14 7.95
N ASN B 11 0.50 15.13 7.91
CA ASN B 11 0.45 14.12 8.96
C ASN B 11 0.65 14.74 10.34
#